data_6I46
#
_entry.id   6I46
#
_cell.length_a   35.754
_cell.length_b   66.614
_cell.length_c   62.926
_cell.angle_alpha   90.000
_cell.angle_beta   90.415
_cell.angle_gamma   90.000
#
_symmetry.space_group_name_H-M   'P 1 21 1'
#
loop_
_entity.id
_entity.type
_entity.pdbx_description
1 polymer 'UDP-3-O-acyl-N-acetylglucosamine deacetylase'
2 non-polymer 'ZINC ION'
3 non-polymer (2~{R})-4-[5-(2-fluoranyl-4-methoxy-phenyl)-2-oxidanylidene-1,3-oxazol-3-yl]-2-methyl-2-methylsulfonyl-~{N}-oxidanyl-butanamide
4 non-polymer GLYCEROL
5 water water
#
_entity_poly.entity_id   1
_entity_poly.type   'polypeptide(L)'
_entity_poly.pdbx_seq_one_letter_code
;MIKQRTLKNIIRATGVGLHSGEKVYLTLKPAPVDTGIVFSRTDLDPVVEIPARAENVGETTMSTTLVKGDVKVDTVEHLL
SAMAGLGIDNAYVELSASEVPIMDGSAGPFVFLIQSAGLQEQEAAKKFIRIKREVSVEEGDKRAVFVPFDGFKVSFEIDF
DHPVFRGRTQQASVDFSSTSFVKEVSRARTFGFMRDIEYLRSQNLALGGSVENAIVVDENRVLNEDGLRYEDEFVKHKIL
DAIGDLYLLGNSLIGEFRGFKSGHALNNQLLRTLIADKDAWEVVTFEDARTAPISYMRP
;
_entity_poly.pdbx_strand_id   AAA
#
loop_
_chem_comp.id
_chem_comp.type
_chem_comp.name
_chem_comp.formula
GOL non-polymer GLYCEROL 'C3 H8 O3'
H2N non-polymer (2~{R})-4-[5-(2-fluoranyl-4-methoxy-phenyl)-2-oxidanylidene-1,3-oxazol-3-yl]-2-methyl-2-methylsulfonyl-~{N}-oxidanyl-butanamide 'C16 H19 F N2 O7 S'
ZN non-polymer 'ZINC ION' 'Zn 2'
#
# COMPACT_ATOMS: atom_id res chain seq x y z
N MET A 1 16.67 -16.56 -13.07
CA MET A 1 15.17 -16.65 -12.89
C MET A 1 14.72 -15.70 -11.78
N ILE A 2 13.67 -14.90 -11.99
CA ILE A 2 13.11 -14.09 -10.87
C ILE A 2 12.17 -14.99 -10.05
N LYS A 3 12.55 -15.21 -8.80
CA LYS A 3 11.91 -16.22 -7.92
C LYS A 3 10.86 -15.55 -7.03
N GLN A 4 9.86 -16.31 -6.65
CA GLN A 4 8.88 -15.88 -5.61
C GLN A 4 9.67 -15.68 -4.31
N ARG A 5 9.21 -14.78 -3.46
CA ARG A 5 9.81 -14.55 -2.12
C ARG A 5 8.75 -14.71 -1.02
N THR A 6 9.17 -15.27 0.10
CA THR A 6 8.44 -15.23 1.37
C THR A 6 9.37 -14.68 2.45
N LEU A 7 8.87 -14.63 3.67
CA LEU A 7 9.68 -14.24 4.85
C LEU A 7 10.62 -15.41 5.22
N LYS A 8 11.81 -15.13 5.71
CA LYS A 8 12.76 -16.16 6.22
C LYS A 8 12.37 -16.49 7.66
N ASN A 9 11.90 -15.48 8.41
CA ASN A 9 11.52 -15.65 9.83
C ASN A 9 10.20 -14.92 10.07
N ILE A 10 9.55 -15.25 11.16
CA ILE A 10 8.30 -14.58 11.59
C ILE A 10 8.65 -13.18 12.08
N ILE A 11 7.71 -12.26 11.88
CA ILE A 11 7.81 -10.87 12.36
C ILE A 11 6.66 -10.65 13.33
N ARG A 12 6.89 -9.96 14.42
CA ARG A 12 5.83 -9.67 15.41
C ARG A 12 5.88 -8.18 15.69
N ALA A 13 4.74 -7.53 15.68
CA ALA A 13 4.62 -6.10 16.03
C ALA A 13 3.34 -5.87 16.81
N THR A 14 3.35 -4.82 17.62
CA THR A 14 2.20 -4.29 18.36
C THR A 14 2.01 -2.82 17.99
N GLY A 15 0.78 -2.37 17.94
CA GLY A 15 0.46 -0.95 17.77
C GLY A 15 -1.02 -0.72 17.89
N VAL A 16 -1.52 0.33 17.27
CA VAL A 16 -2.95 0.73 17.37
C VAL A 16 -3.49 0.93 15.96
N GLY A 17 -4.77 0.66 15.76
CA GLY A 17 -5.46 0.99 14.51
C GLY A 17 -5.57 2.50 14.33
N LEU A 18 -5.15 3.06 13.18
CA LEU A 18 -5.39 4.50 12.91
C LEU A 18 -6.86 4.85 13.14
N HIS A 19 -7.77 4.09 12.54
CA HIS A 19 -9.22 4.41 12.56
C HIS A 19 -9.89 3.95 13.85
N SER A 20 -9.61 2.74 14.31
CA SER A 20 -10.32 2.13 15.46
C SER A 20 -9.71 2.60 16.77
N GLY A 21 -8.41 2.93 16.79
CA GLY A 21 -7.64 3.21 18.01
C GLY A 21 -7.44 1.97 18.89
N GLU A 22 -7.73 0.78 18.37
CA GLU A 22 -7.62 -0.49 19.13
C GLU A 22 -6.18 -0.98 19.11
N LYS A 23 -5.75 -1.54 20.24
CA LYS A 23 -4.47 -2.26 20.40
C LYS A 23 -4.56 -3.52 19.52
N VAL A 24 -3.54 -3.78 18.73
CA VAL A 24 -3.54 -4.92 17.78
C VAL A 24 -2.15 -5.51 17.80
N TYR A 25 -2.08 -6.83 17.77
CA TYR A 25 -0.86 -7.64 17.64
C TYR A 25 -0.86 -8.19 16.22
N LEU A 26 0.28 -8.07 15.57
CA LEU A 26 0.47 -8.44 14.15
C LEU A 26 1.57 -9.50 14.12
N THR A 27 1.37 -10.55 13.34
CA THR A 27 2.39 -11.58 13.10
C THR A 27 2.43 -11.78 11.61
N LEU A 28 3.61 -11.63 11.00
CA LEU A 28 3.80 -12.01 9.59
C LEU A 28 4.48 -13.36 9.58
N LYS A 29 3.98 -14.29 8.78
CA LYS A 29 4.51 -15.66 8.72
C LYS A 29 4.82 -16.01 7.27
N PRO A 30 5.87 -16.84 7.07
CA PRO A 30 6.16 -17.42 5.76
C PRO A 30 4.95 -18.16 5.21
N ALA A 31 4.84 -18.24 3.89
CA ALA A 31 3.78 -19.01 3.23
C ALA A 31 4.37 -19.69 2.02
N PRO A 32 3.75 -20.81 1.59
CA PRO A 32 4.17 -21.49 0.36
C PRO A 32 3.97 -20.70 -0.95
N VAL A 33 4.64 -21.14 -2.02
CA VAL A 33 4.52 -20.53 -3.37
C VAL A 33 3.04 -20.47 -3.76
N ASP A 34 2.64 -19.38 -4.42
CA ASP A 34 1.30 -19.14 -5.00
C ASP A 34 0.26 -19.04 -3.87
N THR A 35 0.66 -18.73 -2.63
CA THR A 35 -0.31 -18.40 -1.56
C THR A 35 -0.84 -16.99 -1.78
N GLY A 36 0.05 -16.09 -2.19
CA GLY A 36 -0.21 -14.66 -2.14
C GLY A 36 -0.12 -14.15 -0.71
N ILE A 37 -0.67 -12.97 -0.46
CA ILE A 37 -0.71 -12.39 0.91
C ILE A 37 -2.12 -12.60 1.48
N VAL A 38 -2.22 -13.24 2.64
CA VAL A 38 -3.53 -13.66 3.24
C VAL A 38 -3.60 -13.09 4.64
N PHE A 39 -4.61 -12.25 4.90
CA PHE A 39 -4.85 -11.69 6.26
C PHE A 39 -5.67 -12.72 7.04
N SER A 40 -5.37 -12.88 8.33
CA SER A 40 -6.08 -13.80 9.25
C SER A 40 -6.49 -13.05 10.51
N ARG A 41 -7.76 -12.98 10.78
CA ARG A 41 -8.30 -12.50 12.08
C ARG A 41 -8.23 -13.66 13.09
N THR A 42 -7.19 -13.68 13.91
CA THR A 42 -6.91 -14.81 14.85
C THR A 42 -7.61 -14.52 16.19
N ASP A 43 -8.27 -13.36 16.34
CA ASP A 43 -9.09 -13.06 17.55
C ASP A 43 -10.46 -13.74 17.43
N LEU A 44 -10.81 -14.24 16.25
CA LEU A 44 -12.11 -14.91 15.96
C LEU A 44 -11.92 -16.43 16.04
N ASP A 45 -12.96 -17.14 16.46
CA ASP A 45 -12.99 -18.62 16.51
C ASP A 45 -14.23 -19.07 15.74
N PRO A 46 -14.12 -19.69 14.55
CA PRO A 46 -12.84 -19.99 13.92
C PRO A 46 -12.17 -18.71 13.39
N VAL A 47 -10.89 -18.85 13.09
CA VAL A 47 -10.10 -17.79 12.41
C VAL A 47 -10.73 -17.52 11.05
N VAL A 48 -10.78 -16.25 10.65
CA VAL A 48 -11.31 -15.79 9.35
C VAL A 48 -10.16 -15.24 8.52
N GLU A 49 -9.90 -15.90 7.38
CA GLU A 49 -8.82 -15.60 6.42
C GLU A 49 -9.39 -14.83 5.22
N ILE A 50 -8.72 -13.75 4.86
CA ILE A 50 -9.12 -12.90 3.71
C ILE A 50 -7.88 -12.70 2.83
N PRO A 51 -7.81 -13.33 1.64
CA PRO A 51 -6.77 -13.01 0.67
C PRO A 51 -6.78 -11.51 0.34
N ALA A 52 -5.58 -10.93 0.26
CA ALA A 52 -5.34 -9.52 -0.09
C ALA A 52 -5.49 -9.40 -1.59
N ARG A 53 -6.75 -9.43 -2.06
CA ARG A 53 -7.09 -9.36 -3.49
C ARG A 53 -8.17 -8.30 -3.71
N ALA A 54 -8.14 -7.68 -4.88
CA ALA A 54 -9.07 -6.61 -5.29
C ALA A 54 -10.53 -6.99 -5.00
N GLU A 55 -10.91 -8.24 -5.30
CA GLU A 55 -12.29 -8.77 -5.13
C GLU A 55 -12.73 -8.79 -3.66
N ASN A 56 -11.82 -8.68 -2.70
CA ASN A 56 -12.18 -8.76 -1.25
C ASN A 56 -12.16 -7.36 -0.63
N VAL A 57 -11.93 -6.33 -1.42
CA VAL A 57 -11.99 -4.92 -0.92
C VAL A 57 -13.45 -4.55 -0.75
N GLY A 58 -13.82 -4.03 0.41
CA GLY A 58 -15.25 -3.85 0.73
C GLY A 58 -15.62 -2.40 0.99
N GLU A 59 -14.74 -1.66 1.64
CA GLU A 59 -14.93 -0.22 1.95
C GLU A 59 -13.64 0.47 1.54
N THR A 60 -13.76 1.68 0.99
CA THR A 60 -12.62 2.50 0.51
C THR A 60 -12.89 3.97 0.89
N THR A 61 -13.28 4.23 2.13
CA THR A 61 -13.62 5.60 2.59
C THR A 61 -12.31 6.34 2.84
N MET A 62 -11.66 6.07 3.97
CA MET A 62 -10.43 6.77 4.36
C MET A 62 -9.34 5.72 4.60
N SER A 63 -9.45 4.58 3.92
CA SER A 63 -8.47 3.47 3.94
C SER A 63 -8.94 2.40 2.96
N THR A 64 -8.12 1.39 2.75
CA THR A 64 -8.52 0.19 1.99
C THR A 64 -8.86 -0.91 3.03
N THR A 65 -10.09 -1.41 2.97
CA THR A 65 -10.62 -2.40 3.92
C THR A 65 -10.90 -3.70 3.16
N LEU A 66 -10.39 -4.81 3.66
CA LEU A 66 -10.80 -6.15 3.19
C LEU A 66 -12.03 -6.62 3.99
N VAL A 67 -12.95 -7.30 3.33
CA VAL A 67 -14.23 -7.72 3.95
C VAL A 67 -14.54 -9.16 3.49
N LYS A 68 -14.88 -10.03 4.45
CA LYS A 68 -15.53 -11.35 4.20
C LYS A 68 -16.76 -11.43 5.11
N GLY A 69 -17.95 -11.34 4.52
CA GLY A 69 -19.22 -11.21 5.24
C GLY A 69 -19.19 -10.05 6.21
N ASP A 70 -19.32 -10.34 7.50
CA ASP A 70 -19.36 -9.34 8.60
C ASP A 70 -17.94 -9.01 9.06
N VAL A 71 -16.91 -9.71 8.54
CA VAL A 71 -15.53 -9.59 9.06
C VAL A 71 -14.72 -8.61 8.18
N LYS A 72 -14.01 -7.68 8.83
CA LYS A 72 -13.14 -6.72 8.10
C LYS A 72 -11.70 -6.79 8.61
N VAL A 73 -10.78 -6.43 7.72
CA VAL A 73 -9.37 -6.05 8.02
C VAL A 73 -9.16 -4.67 7.41
N ASP A 74 -9.05 -3.65 8.25
CA ASP A 74 -9.03 -2.25 7.81
C ASP A 74 -7.57 -1.83 7.65
N THR A 75 -7.35 -0.83 6.80
CA THR A 75 -6.10 -0.10 6.62
C THR A 75 -4.98 -1.06 6.23
N VAL A 76 -5.13 -1.76 5.12
CA VAL A 76 -4.09 -2.72 4.69
C VAL A 76 -3.00 -2.03 3.85
N GLU A 77 -3.23 -0.79 3.40
CA GLU A 77 -2.47 -0.21 2.27
C GLU A 77 -1.02 -0.01 2.68
N HIS A 78 -0.71 0.39 3.92
CA HIS A 78 0.69 0.73 4.26
C HIS A 78 1.52 -0.55 4.39
N LEU A 79 0.99 -1.61 5.00
CA LEU A 79 1.72 -2.90 5.08
C LEU A 79 1.88 -3.49 3.68
N LEU A 80 0.82 -3.47 2.88
CA LEU A 80 0.90 -4.04 1.52
C LEU A 80 1.90 -3.24 0.68
N SER A 81 2.02 -1.92 0.90
CA SER A 81 3.02 -1.09 0.19
C SER A 81 4.43 -1.60 0.57
N ALA A 82 4.68 -1.89 1.85
CA ALA A 82 5.97 -2.45 2.31
C ALA A 82 6.22 -3.78 1.60
N MET A 83 5.21 -4.63 1.55
CA MET A 83 5.40 -6.00 0.98
C MET A 83 5.68 -5.92 -0.53
N ALA A 84 4.99 -5.04 -1.25
CA ALA A 84 5.18 -4.76 -2.68
C ALA A 84 6.59 -4.21 -2.90
N GLY A 85 6.99 -3.19 -2.12
CA GLY A 85 8.32 -2.56 -2.22
C GLY A 85 9.44 -3.58 -2.10
N LEU A 86 9.29 -4.61 -1.25
CA LEU A 86 10.35 -5.61 -0.99
C LEU A 86 10.12 -6.88 -1.79
N GLY A 87 9.04 -6.94 -2.58
CA GLY A 87 8.79 -8.06 -3.50
C GLY A 87 8.36 -9.32 -2.78
N ILE A 88 7.66 -9.20 -1.65
CA ILE A 88 7.09 -10.38 -0.94
C ILE A 88 5.83 -10.88 -1.67
N ASP A 89 5.89 -12.07 -2.23
CA ASP A 89 4.78 -12.74 -2.95
C ASP A 89 3.83 -13.44 -1.97
N ASN A 90 4.39 -14.16 -1.00
CA ASN A 90 3.66 -15.15 -0.20
C ASN A 90 3.85 -14.82 1.29
N ALA A 91 2.76 -14.62 2.02
CA ALA A 91 2.83 -14.41 3.48
C ALA A 91 1.45 -14.53 4.12
N TYR A 92 1.41 -14.97 5.37
CA TYR A 92 0.20 -14.88 6.21
C TYR A 92 0.41 -13.66 7.11
N VAL A 93 -0.63 -12.85 7.22
CA VAL A 93 -0.63 -11.67 8.12
C VAL A 93 -1.69 -11.94 9.17
N GLU A 94 -1.28 -12.33 10.37
CA GLU A 94 -2.22 -12.57 11.49
C GLU A 94 -2.40 -11.29 12.30
N LEU A 95 -3.66 -10.98 12.58
CA LEU A 95 -4.05 -9.75 13.34
C LEU A 95 -5.01 -10.17 14.47
N SER A 96 -4.82 -9.59 15.66
CA SER A 96 -5.66 -9.84 16.84
C SER A 96 -6.87 -8.87 16.89
N ALA A 97 -7.03 -7.99 15.89
CA ALA A 97 -8.12 -7.00 15.82
C ALA A 97 -8.39 -6.64 14.35
N SER A 98 -9.38 -5.80 14.13
CA SER A 98 -9.94 -5.55 12.78
C SER A 98 -9.06 -4.63 11.91
N GLU A 99 -7.90 -4.16 12.39
CA GLU A 99 -7.14 -3.09 11.68
C GLU A 99 -5.63 -3.33 11.87
N VAL A 100 -4.89 -3.26 10.78
CA VAL A 100 -3.41 -3.27 10.78
C VAL A 100 -2.97 -2.12 11.67
N PRO A 101 -1.95 -2.30 12.52
CA PRO A 101 -1.40 -1.21 13.33
C PRO A 101 -0.80 -0.15 12.40
N ILE A 102 -1.02 1.12 12.76
CA ILE A 102 -0.53 2.30 11.97
C ILE A 102 0.98 2.50 12.19
N MET A 103 1.55 1.97 13.27
CA MET A 103 2.99 2.15 13.63
C MET A 103 3.29 3.67 13.68
N ASP A 104 4.18 4.19 12.82
CA ASP A 104 4.54 5.63 12.78
C ASP A 104 3.83 6.36 11.64
N GLY A 105 2.87 5.71 10.94
CA GLY A 105 2.07 6.33 9.87
C GLY A 105 2.64 6.02 8.50
N SER A 106 3.79 5.37 8.43
CA SER A 106 4.53 5.13 7.18
C SER A 106 4.70 3.62 6.98
N ALA A 107 5.45 3.24 5.96
CA ALA A 107 5.81 1.82 5.71
C ALA A 107 7.20 1.54 6.29
N GLY A 108 7.82 2.51 6.97
CA GLY A 108 9.23 2.41 7.42
C GLY A 108 9.37 1.25 8.41
N PRO A 109 8.58 1.25 9.50
CA PRO A 109 8.66 0.19 10.51
C PRO A 109 8.43 -1.19 9.90
N PHE A 110 7.52 -1.34 8.93
CA PHE A 110 7.26 -2.64 8.27
C PHE A 110 8.45 -3.06 7.42
N VAL A 111 9.01 -2.18 6.60
CA VAL A 111 10.18 -2.60 5.76
C VAL A 111 11.34 -2.96 6.69
N PHE A 112 11.53 -2.27 7.81
CA PHE A 112 12.67 -2.55 8.71
C PHE A 112 12.48 -3.93 9.39
N LEU A 113 11.28 -4.18 9.90
CA LEU A 113 10.97 -5.46 10.57
C LEU A 113 11.13 -6.60 9.56
N ILE A 114 10.62 -6.43 8.35
CA ILE A 114 10.71 -7.49 7.33
C ILE A 114 12.18 -7.75 6.97
N GLN A 115 12.94 -6.69 6.68
CA GLN A 115 14.35 -6.79 6.23
C GLN A 115 15.22 -7.29 7.39
N SER A 116 14.82 -7.04 8.64
CA SER A 116 15.48 -7.63 9.84
C SER A 116 15.24 -9.16 9.88
N ALA A 117 14.03 -9.62 9.59
CA ALA A 117 13.63 -11.04 9.59
C ALA A 117 14.32 -11.72 8.40
N GLY A 118 14.41 -10.99 7.30
CA GLY A 118 15.03 -11.45 6.05
C GLY A 118 13.98 -12.11 5.17
N LEU A 119 14.28 -12.21 3.89
CA LEU A 119 13.41 -12.86 2.88
C LEU A 119 14.06 -14.17 2.44
N GLN A 120 13.21 -15.04 1.89
CA GLN A 120 13.54 -16.41 1.45
C GLN A 120 13.04 -16.54 0.00
N GLU A 121 13.97 -16.72 -0.94
CA GLU A 121 13.59 -17.00 -2.35
C GLU A 121 13.01 -18.41 -2.40
N GLN A 122 11.98 -18.62 -3.21
CA GLN A 122 11.30 -19.93 -3.30
C GLN A 122 11.49 -20.48 -4.72
N GLU A 123 11.42 -21.79 -4.86
CA GLU A 123 11.74 -22.50 -6.12
C GLU A 123 10.52 -22.41 -7.04
N ALA A 124 10.10 -21.19 -7.40
CA ALA A 124 8.99 -20.96 -8.34
C ALA A 124 9.16 -19.59 -8.98
N ALA A 125 8.84 -19.48 -10.27
CA ALA A 125 8.84 -18.22 -11.05
C ALA A 125 7.95 -17.17 -10.36
N LYS A 126 8.45 -15.96 -10.13
CA LYS A 126 7.58 -14.82 -9.74
C LYS A 126 6.68 -14.50 -10.91
N LYS A 127 5.37 -14.41 -10.70
CA LYS A 127 4.42 -14.02 -11.77
C LYS A 127 4.19 -12.52 -11.68
N PHE A 128 4.23 -11.87 -12.84
CA PHE A 128 4.00 -10.43 -12.98
C PHE A 128 2.77 -10.22 -13.83
N ILE A 129 2.05 -9.15 -13.52
CA ILE A 129 0.99 -8.65 -14.44
C ILE A 129 1.60 -7.54 -15.29
N ARG A 130 1.70 -7.78 -16.58
CA ARG A 130 2.26 -6.80 -17.54
C ARG A 130 1.09 -6.04 -18.18
N ILE A 131 1.09 -4.72 -18.05
CA ILE A 131 0.16 -3.80 -18.74
C ILE A 131 0.49 -3.76 -20.24
N LYS A 132 -0.47 -4.13 -21.09
CA LYS A 132 -0.33 -4.17 -22.56
C LYS A 132 -1.12 -3.03 -23.22
N ARG A 133 -2.14 -2.50 -22.55
CA ARG A 133 -2.96 -1.40 -23.11
C ARG A 133 -3.16 -0.34 -22.04
N GLU A 134 -3.38 0.90 -22.43
CA GLU A 134 -3.77 1.98 -21.49
C GLU A 134 -5.14 1.65 -20.89
N VAL A 135 -5.25 1.83 -19.57
CA VAL A 135 -6.52 1.60 -18.84
C VAL A 135 -6.71 2.81 -17.94
N SER A 136 -7.79 3.54 -18.15
CA SER A 136 -8.09 4.80 -17.39
C SER A 136 -9.45 4.64 -16.73
N VAL A 137 -9.57 5.12 -15.49
CA VAL A 137 -10.89 5.29 -14.84
C VAL A 137 -10.89 6.70 -14.27
N GLU A 138 -12.03 7.33 -14.32
CA GLU A 138 -12.20 8.71 -13.83
C GLU A 138 -13.51 8.71 -13.06
N GLU A 139 -13.60 9.58 -12.06
CA GLU A 139 -14.88 9.97 -11.42
C GLU A 139 -14.71 11.42 -10.98
N GLY A 140 -15.46 12.32 -11.61
CA GLY A 140 -15.33 13.78 -11.37
C GLY A 140 -13.94 14.25 -11.79
N ASP A 141 -13.27 15.00 -10.92
CA ASP A 141 -11.89 15.52 -11.16
C ASP A 141 -10.84 14.52 -10.67
N LYS A 142 -11.20 13.25 -10.44
CA LYS A 142 -10.24 12.19 -10.01
C LYS A 142 -9.96 11.23 -11.16
N ARG A 143 -8.71 10.85 -11.36
CA ARG A 143 -8.36 9.96 -12.48
C ARG A 143 -7.23 9.04 -12.03
N ALA A 144 -7.21 7.81 -12.52
CA ALA A 144 -6.20 6.78 -12.21
C ALA A 144 -5.99 6.00 -13.49
N VAL A 145 -4.73 5.80 -13.90
CA VAL A 145 -4.44 5.23 -15.24
C VAL A 145 -3.32 4.21 -15.08
N PHE A 146 -3.42 3.14 -15.84
CA PHE A 146 -2.28 2.26 -16.15
C PHE A 146 -1.85 2.51 -17.60
N VAL A 147 -0.55 2.62 -17.81
CA VAL A 147 0.11 2.78 -19.13
C VAL A 147 1.15 1.67 -19.28
N PRO A 148 1.25 1.00 -20.44
CA PRO A 148 2.38 0.10 -20.69
C PRO A 148 3.70 0.82 -20.42
N PHE A 149 4.60 0.10 -19.77
CA PHE A 149 5.95 0.58 -19.39
C PHE A 149 6.79 -0.65 -19.05
N ASP A 150 8.00 -0.72 -19.59
CA ASP A 150 8.93 -1.85 -19.33
C ASP A 150 9.68 -1.55 -18.01
N GLY A 151 9.03 -1.80 -16.88
CA GLY A 151 9.52 -1.48 -15.53
C GLY A 151 8.34 -1.24 -14.60
N PHE A 152 8.55 -0.45 -13.56
CA PHE A 152 7.47 -0.06 -12.64
C PHE A 152 7.75 1.36 -12.20
N LYS A 153 6.77 2.20 -12.46
CA LYS A 153 6.81 3.67 -12.37
C LYS A 153 5.47 4.11 -11.78
N VAL A 154 5.50 5.05 -10.82
CA VAL A 154 4.27 5.63 -10.22
C VAL A 154 4.40 7.15 -10.24
N SER A 155 3.36 7.82 -10.72
CA SER A 155 3.19 9.30 -10.72
C SER A 155 1.94 9.64 -9.94
N PHE A 156 2.03 10.70 -9.16
CA PHE A 156 0.86 11.24 -8.44
C PHE A 156 0.85 12.76 -8.52
N GLU A 157 -0.34 13.30 -8.73
CA GLU A 157 -0.58 14.77 -8.73
C GLU A 157 -1.86 15.06 -7.96
N ILE A 158 -1.82 16.01 -7.03
CA ILE A 158 -3.03 16.41 -6.28
C ILE A 158 -2.94 17.88 -5.88
N ASP A 159 -4.01 18.61 -6.14
CA ASP A 159 -4.24 19.97 -5.59
C ASP A 159 -5.00 19.75 -4.27
N PHE A 160 -4.32 19.85 -3.13
CA PHE A 160 -4.91 19.57 -1.81
C PHE A 160 -5.90 20.68 -1.42
N ASP A 161 -5.84 21.86 -2.05
CA ASP A 161 -6.74 23.00 -1.73
C ASP A 161 -6.60 23.31 -0.24
N HIS A 162 -5.38 23.41 0.24
CA HIS A 162 -5.15 23.59 1.69
C HIS A 162 -4.01 24.58 1.85
N PRO A 163 -4.20 25.57 2.76
CA PRO A 163 -3.18 26.59 2.96
C PRO A 163 -1.77 26.05 3.24
N VAL A 164 -1.61 24.85 3.83
CA VAL A 164 -0.25 24.42 4.30
C VAL A 164 0.66 24.25 3.08
N PHE A 165 0.10 24.03 1.90
CA PHE A 165 0.89 23.83 0.64
C PHE A 165 1.22 25.17 -0.01
N ARG A 166 0.86 26.29 0.65
CA ARG A 166 1.24 27.64 0.18
C ARG A 166 0.93 27.77 -1.33
N GLY A 167 -0.24 27.28 -1.78
CA GLY A 167 -0.80 27.48 -3.13
C GLY A 167 -0.17 26.62 -4.21
N ARG A 168 0.50 25.53 -3.85
CA ARG A 168 1.28 24.69 -4.81
C ARG A 168 0.56 23.35 -4.99
N THR A 169 0.17 23.01 -6.22
CA THR A 169 -0.22 21.64 -6.60
C THR A 169 0.98 20.72 -6.35
N GLN A 170 0.76 19.57 -5.70
CA GLN A 170 1.85 18.63 -5.34
C GLN A 170 1.97 17.57 -6.43
N GLN A 171 3.18 17.18 -6.79
CA GLN A 171 3.43 16.21 -7.87
C GLN A 171 4.72 15.47 -7.54
N ALA A 172 4.76 14.18 -7.83
CA ALA A 172 5.96 13.33 -7.66
C ALA A 172 5.86 12.15 -8.61
N SER A 173 7.00 11.76 -9.13
CA SER A 173 7.19 10.57 -9.98
C SER A 173 8.27 9.74 -9.29
N VAL A 174 8.09 8.44 -9.30
CA VAL A 174 9.13 7.51 -8.83
C VAL A 174 9.19 6.40 -9.84
N ASP A 175 10.40 6.05 -10.26
CA ASP A 175 10.67 4.93 -11.17
C ASP A 175 11.57 3.96 -10.41
N PHE A 176 11.11 2.75 -10.17
CA PHE A 176 11.85 1.81 -9.29
C PHE A 176 13.08 1.26 -10.02
N SER A 177 13.48 1.87 -11.15
CA SER A 177 14.79 1.65 -11.84
C SER A 177 15.88 2.53 -11.23
N SER A 178 15.53 3.52 -10.41
CA SER A 178 16.50 4.44 -9.77
C SER A 178 16.06 4.79 -8.35
N THR A 179 14.77 5.04 -8.17
CA THR A 179 14.24 5.33 -6.83
C THR A 179 14.37 4.09 -5.93
N SER A 180 14.91 4.31 -4.75
CA SER A 180 14.78 3.39 -3.59
C SER A 180 13.39 3.59 -2.96
N PHE A 181 12.52 2.58 -3.02
CA PHE A 181 11.25 2.50 -2.23
C PHE A 181 11.56 2.76 -0.75
N VAL A 182 12.55 2.05 -0.24
CA VAL A 182 12.95 2.17 1.18
C VAL A 182 13.34 3.59 1.52
N LYS A 183 14.28 4.20 0.79
CA LYS A 183 14.88 5.50 1.20
C LYS A 183 13.95 6.66 0.85
N GLU A 184 13.26 6.55 -0.28
CA GLU A 184 12.57 7.74 -0.86
C GLU A 184 11.05 7.70 -0.65
N VAL A 185 10.42 6.54 -0.42
CA VAL A 185 8.94 6.46 -0.29
C VAL A 185 8.55 5.94 1.10
N SER A 186 9.25 4.92 1.62
CA SER A 186 8.76 4.10 2.77
C SER A 186 8.52 4.98 4.00
N ARG A 187 9.29 6.06 4.19
CA ARG A 187 9.20 6.92 5.40
C ARG A 187 8.02 7.91 5.33
N ALA A 188 7.30 8.02 4.22
CA ALA A 188 6.24 9.05 4.09
C ALA A 188 5.02 8.67 4.93
N ARG A 189 4.68 9.52 5.89
CA ARG A 189 3.62 9.25 6.86
C ARG A 189 2.27 9.70 6.32
N THR A 190 1.22 9.03 6.78
CA THR A 190 -0.16 9.46 6.55
C THR A 190 -0.33 10.83 7.22
N PHE A 191 -1.44 11.50 6.96
CA PHE A 191 -1.63 12.87 7.49
C PHE A 191 -3.12 13.15 7.66
N GLY A 192 -3.37 14.10 8.55
CA GLY A 192 -4.71 14.62 8.83
C GLY A 192 -4.71 16.13 8.94
N PHE A 193 -5.81 16.72 8.50
CA PHE A 193 -6.06 18.18 8.59
C PHE A 193 -7.06 18.42 9.72
N MET A 194 -6.74 19.33 10.61
CA MET A 194 -7.60 19.66 11.76
C MET A 194 -9.00 20.11 11.28
N ARG A 195 -9.16 20.58 10.04
CA ARG A 195 -10.47 21.07 9.51
C ARG A 195 -11.41 19.88 9.20
N ASP A 196 -10.89 18.66 9.06
CA ASP A 196 -11.68 17.43 8.78
C ASP A 196 -12.05 16.72 10.10
N ILE A 197 -11.64 17.25 11.24
CA ILE A 197 -11.90 16.64 12.58
C ILE A 197 -13.42 16.50 12.80
N GLU A 198 -14.24 17.49 12.42
CA GLU A 198 -15.72 17.42 12.61
C GLU A 198 -16.19 16.14 11.93
N TYR A 199 -15.97 16.05 10.61
CA TYR A 199 -16.39 14.91 9.73
C TYR A 199 -15.82 13.58 10.26
N LEU A 200 -14.53 13.55 10.65
CA LEU A 200 -13.89 12.27 11.06
C LEU A 200 -14.56 11.79 12.36
N ARG A 201 -14.77 12.68 13.33
CA ARG A 201 -15.55 12.44 14.58
C ARG A 201 -16.94 11.87 14.23
N SER A 202 -17.56 12.38 13.18
CA SER A 202 -18.95 12.08 12.75
C SER A 202 -19.04 10.73 12.03
N GLN A 203 -17.91 10.16 11.59
CA GLN A 203 -17.86 8.82 10.94
C GLN A 203 -17.14 7.86 11.87
N ASN A 204 -16.77 8.36 13.04
CA ASN A 204 -16.05 7.59 14.08
C ASN A 204 -14.70 7.15 13.51
N LEU A 205 -14.04 8.00 12.70
CA LEU A 205 -12.76 7.63 12.02
C LEU A 205 -11.58 8.25 12.77
N ALA A 206 -10.37 7.78 12.44
CA ALA A 206 -9.09 8.34 12.91
C ALA A 206 -9.00 8.38 14.43
N LEU A 207 -9.63 7.45 15.15
CA LEU A 207 -9.64 7.40 16.65
C LEU A 207 -8.21 7.18 17.19
N GLY A 208 -7.31 6.56 16.43
CA GLY A 208 -5.93 6.35 16.89
C GLY A 208 -4.95 7.39 16.35
N GLY A 209 -5.42 8.38 15.59
CA GLY A 209 -4.56 9.35 14.88
C GLY A 209 -4.03 10.43 15.83
N SER A 210 -2.74 10.69 15.79
CA SER A 210 -2.09 11.78 16.55
C SER A 210 -0.78 12.17 15.88
N VAL A 211 -0.05 13.10 16.48
CA VAL A 211 1.31 13.46 15.98
C VAL A 211 2.26 12.25 16.10
N GLU A 212 1.93 11.28 16.95
CA GLU A 212 2.73 10.04 17.20
C GLU A 212 2.82 9.19 15.95
N ASN A 213 1.80 9.23 15.06
CA ASN A 213 1.72 8.25 13.95
C ASN A 213 1.27 8.92 12.65
N ALA A 214 1.39 10.24 12.51
CA ALA A 214 0.86 10.98 11.36
C ALA A 214 1.36 12.42 11.36
N ILE A 215 1.38 13.03 10.19
CA ILE A 215 1.53 14.51 10.07
C ILE A 215 0.17 15.08 10.39
N VAL A 216 0.09 15.96 11.36
CA VAL A 216 -1.16 16.66 11.70
C VAL A 216 -1.03 18.14 11.31
N VAL A 217 -1.93 18.63 10.45
CA VAL A 217 -1.88 20.05 9.96
C VAL A 217 -3.04 20.85 10.56
N ASP A 218 -2.73 22.02 11.15
CA ASP A 218 -3.76 22.98 11.64
C ASP A 218 -3.57 24.30 10.89
N GLU A 219 -4.33 24.44 9.80
CA GLU A 219 -4.36 25.59 8.85
C GLU A 219 -2.95 25.79 8.29
N ASN A 220 -2.14 26.65 8.86
CA ASN A 220 -0.76 26.91 8.37
C ASN A 220 0.26 25.95 9.03
N ARG A 221 0.01 25.51 10.26
CA ARG A 221 1.04 24.84 11.11
C ARG A 221 1.04 23.31 10.85
N VAL A 222 2.20 22.72 10.60
CA VAL A 222 2.44 21.27 10.84
C VAL A 222 2.62 21.14 12.36
N LEU A 223 1.68 20.49 13.07
CA LEU A 223 1.70 20.49 14.55
C LEU A 223 2.91 19.69 15.04
N ASN A 224 3.42 18.76 14.22
CA ASN A 224 4.57 17.89 14.58
C ASN A 224 5.80 18.78 14.87
N GLU A 225 6.28 18.76 16.11
CA GLU A 225 7.44 19.60 16.58
C GLU A 225 8.66 19.36 15.68
N ASP A 226 8.90 18.13 15.25
CA ASP A 226 10.11 17.72 14.49
C ASP A 226 9.87 17.79 12.97
N GLY A 227 8.71 18.24 12.50
CA GLY A 227 8.52 18.57 11.07
C GLY A 227 8.42 17.33 10.17
N LEU A 228 8.82 17.48 8.90
CA LEU A 228 8.58 16.54 7.77
C LEU A 228 9.84 15.73 7.48
N ARG A 229 9.68 14.54 6.89
CA ARG A 229 10.78 13.59 6.60
C ARG A 229 11.25 13.81 5.16
N TYR A 230 10.41 14.44 4.36
CA TYR A 230 10.68 14.76 2.94
C TYR A 230 10.03 16.12 2.69
N GLU A 231 10.64 16.99 1.90
CA GLU A 231 9.95 18.25 1.49
C GLU A 231 8.55 17.93 0.97
N ASP A 232 8.40 16.88 0.16
CA ASP A 232 7.13 16.50 -0.52
C ASP A 232 6.50 15.26 0.17
N GLU A 233 6.50 15.21 1.50
CA GLU A 233 6.11 13.98 2.26
C GLU A 233 4.65 13.61 1.91
N PHE A 234 3.77 14.60 1.86
CA PHE A 234 2.31 14.41 1.66
C PHE A 234 2.11 13.63 0.38
N VAL A 235 2.69 14.10 -0.71
CA VAL A 235 2.47 13.45 -2.04
C VAL A 235 3.24 12.12 -2.09
N LYS A 236 4.38 11.99 -1.40
CA LYS A 236 5.12 10.70 -1.39
C LYS A 236 4.23 9.69 -0.66
N HIS A 237 3.45 10.15 0.34
CA HIS A 237 2.54 9.20 1.03
C HIS A 237 1.41 8.73 0.09
N LYS A 238 0.88 9.59 -0.78
CA LYS A 238 -0.12 9.16 -1.78
C LYS A 238 0.50 8.09 -2.69
N ILE A 239 1.77 8.22 -3.04
CA ILE A 239 2.47 7.21 -3.88
C ILE A 239 2.57 5.91 -3.08
N LEU A 240 2.91 6.02 -1.81
CA LEU A 240 3.02 4.81 -0.92
C LEU A 240 1.65 4.10 -0.88
N ASP A 241 0.56 4.86 -0.69
CA ASP A 241 -0.82 4.32 -0.64
C ASP A 241 -1.10 3.61 -1.98
N ALA A 242 -0.74 4.24 -3.09
CA ALA A 242 -1.07 3.71 -4.45
C ALA A 242 -0.31 2.39 -4.64
N ILE A 243 0.94 2.30 -4.17
CA ILE A 243 1.73 1.04 -4.30
C ILE A 243 1.06 -0.09 -3.50
N GLY A 244 0.60 0.18 -2.27
CA GLY A 244 -0.18 -0.76 -1.44
C GLY A 244 -1.49 -1.18 -2.11
N ASP A 245 -2.26 -0.23 -2.60
CA ASP A 245 -3.59 -0.50 -3.22
C ASP A 245 -3.39 -1.35 -4.47
N LEU A 246 -2.40 -1.04 -5.28
CA LEU A 246 -2.10 -1.79 -6.53
C LEU A 246 -1.69 -3.23 -6.22
N TYR A 247 -1.08 -3.47 -5.06
CA TYR A 247 -0.62 -4.85 -4.72
C TYR A 247 -1.79 -5.78 -4.50
N LEU A 248 -3.01 -5.25 -4.41
CA LEU A 248 -4.23 -6.08 -4.32
C LEU A 248 -4.53 -6.78 -5.65
N LEU A 249 -3.80 -6.46 -6.71
CA LEU A 249 -3.81 -7.27 -7.95
C LEU A 249 -3.37 -8.71 -7.65
N GLY A 250 -2.52 -8.92 -6.66
CA GLY A 250 -2.07 -10.27 -6.24
C GLY A 250 -0.74 -10.67 -6.87
N ASN A 251 -0.23 -9.84 -7.78
CA ASN A 251 1.10 -9.99 -8.45
C ASN A 251 1.69 -8.62 -8.73
N SER A 252 3.01 -8.51 -8.77
CA SER A 252 3.71 -7.24 -9.05
C SER A 252 3.40 -6.82 -10.49
N LEU A 253 3.35 -5.52 -10.69
CA LEU A 253 3.01 -4.89 -11.98
C LEU A 253 4.28 -4.64 -12.79
N ILE A 254 4.22 -4.90 -14.09
CA ILE A 254 5.13 -4.31 -15.11
C ILE A 254 4.34 -3.26 -15.87
N GLY A 255 4.53 -2.00 -15.52
CA GLY A 255 3.75 -0.92 -16.12
C GLY A 255 3.88 0.33 -15.32
N GLU A 256 3.16 1.35 -15.76
CA GLU A 256 3.17 2.68 -15.14
C GLU A 256 1.79 2.94 -14.54
N PHE A 257 1.75 3.55 -13.37
CA PHE A 257 0.52 4.09 -12.77
C PHE A 257 0.65 5.60 -12.74
N ARG A 258 -0.42 6.29 -13.15
CA ARG A 258 -0.56 7.76 -12.95
C ARG A 258 -1.85 8.02 -12.18
N GLY A 259 -1.71 8.72 -11.05
CA GLY A 259 -2.82 9.12 -10.19
C GLY A 259 -3.02 10.63 -10.28
N PHE A 260 -4.28 11.05 -10.41
CA PHE A 260 -4.73 12.46 -10.42
C PHE A 260 -5.83 12.57 -9.38
N LYS A 261 -5.42 12.97 -8.17
CA LYS A 261 -6.33 13.10 -7.02
C LYS A 261 -6.98 11.75 -6.70
N SER A 262 -6.46 10.59 -7.18
CA SER A 262 -7.12 9.28 -6.95
C SER A 262 -7.01 8.91 -5.47
N GLY A 263 -8.01 8.26 -4.94
CA GLY A 263 -7.92 7.71 -3.57
C GLY A 263 -8.04 6.22 -3.61
N HIS A 264 -8.29 5.64 -2.44
CA HIS A 264 -8.47 4.17 -2.29
C HIS A 264 -9.57 3.68 -3.22
N ALA A 265 -10.71 4.39 -3.29
CA ALA A 265 -11.87 3.95 -4.09
C ALA A 265 -11.47 3.86 -5.55
N LEU A 266 -10.97 4.95 -6.12
CA LEU A 266 -10.65 5.00 -7.58
C LEU A 266 -9.50 4.02 -7.88
N ASN A 267 -8.55 3.89 -6.97
CA ASN A 267 -7.44 2.91 -7.11
C ASN A 267 -8.02 1.51 -7.27
N ASN A 268 -9.00 1.16 -6.43
CA ASN A 268 -9.60 -0.19 -6.52
C ASN A 268 -10.43 -0.33 -7.80
N GLN A 269 -11.16 0.72 -8.21
CA GLN A 269 -11.97 0.70 -9.46
C GLN A 269 -11.00 0.46 -10.63
N LEU A 270 -9.80 1.05 -10.58
CA LEU A 270 -8.83 0.85 -11.67
C LEU A 270 -8.43 -0.62 -11.71
N LEU A 271 -8.13 -1.22 -10.55
CA LEU A 271 -7.77 -2.68 -10.51
C LEU A 271 -8.90 -3.49 -11.12
N ARG A 272 -10.15 -3.19 -10.74
CA ARG A 272 -11.31 -3.99 -11.19
C ARG A 272 -11.49 -3.86 -12.71
N THR A 273 -11.33 -2.65 -13.24
CA THR A 273 -11.46 -2.37 -14.68
C THR A 273 -10.35 -3.14 -15.38
N LEU A 274 -9.12 -3.04 -14.85
CA LEU A 274 -7.96 -3.77 -15.42
C LEU A 274 -8.26 -5.26 -15.46
N ILE A 275 -8.67 -5.84 -14.33
CA ILE A 275 -8.86 -7.31 -14.23
C ILE A 275 -9.94 -7.72 -15.26
N ALA A 276 -10.99 -6.93 -15.42
CA ALA A 276 -12.07 -7.27 -16.37
C ALA A 276 -11.57 -7.17 -17.82
N ASP A 277 -10.68 -6.21 -18.13
CA ASP A 277 -10.18 -6.01 -19.52
C ASP A 277 -8.95 -6.89 -19.78
N LYS A 278 -9.18 -8.16 -20.10
CA LYS A 278 -8.09 -9.15 -20.24
C LYS A 278 -7.26 -8.84 -21.50
N ASP A 279 -7.72 -7.98 -22.40
CA ASP A 279 -6.91 -7.52 -23.57
C ASP A 279 -5.78 -6.59 -23.09
N ALA A 280 -5.94 -5.98 -21.92
CA ALA A 280 -5.03 -4.94 -21.39
C ALA A 280 -3.86 -5.51 -20.61
N TRP A 281 -3.80 -6.82 -20.34
CA TRP A 281 -2.76 -7.40 -19.43
C TRP A 281 -2.54 -8.88 -19.72
N GLU A 282 -1.39 -9.37 -19.29
CA GLU A 282 -1.00 -10.80 -19.32
C GLU A 282 -0.09 -11.09 -18.12
N VAL A 283 -0.08 -12.35 -17.68
CA VAL A 283 0.84 -12.86 -16.63
C VAL A 283 2.13 -13.26 -17.33
N VAL A 284 3.24 -12.72 -16.87
CA VAL A 284 4.57 -13.05 -17.44
C VAL A 284 5.47 -13.51 -16.29
N THR A 285 6.44 -14.37 -16.60
CA THR A 285 7.55 -14.75 -15.71
C THR A 285 8.84 -14.45 -16.45
N PHE A 286 9.95 -14.43 -15.72
CA PHE A 286 11.29 -14.19 -16.31
C PHE A 286 12.18 -15.34 -15.87
N GLU A 287 12.49 -16.24 -16.82
CA GLU A 287 13.37 -17.41 -16.61
C GLU A 287 14.81 -16.91 -16.42
N ASP A 288 15.11 -15.69 -16.85
CA ASP A 288 16.48 -15.12 -16.74
C ASP A 288 16.37 -13.70 -16.21
N ALA A 289 16.75 -13.46 -14.96
CA ALA A 289 16.63 -12.17 -14.27
C ALA A 289 17.46 -11.11 -14.99
N ARG A 290 18.44 -11.54 -15.77
CA ARG A 290 19.41 -10.61 -16.44
C ARG A 290 18.72 -9.82 -17.56
N THR A 291 17.60 -10.30 -18.12
CA THR A 291 16.93 -9.62 -19.24
C THR A 291 15.58 -9.05 -18.79
N ALA A 292 15.28 -9.13 -17.51
CA ALA A 292 13.99 -8.68 -16.92
C ALA A 292 14.00 -7.15 -16.83
N PRO A 293 12.83 -6.47 -16.99
CA PRO A 293 12.79 -5.01 -16.92
C PRO A 293 12.74 -4.48 -15.48
N ILE A 294 12.64 -5.36 -14.49
CA ILE A 294 12.67 -4.99 -13.04
C ILE A 294 13.74 -5.83 -12.34
N SER A 295 14.25 -5.36 -11.21
CA SER A 295 15.06 -6.17 -10.25
C SER A 295 14.65 -5.87 -8.81
N TYR A 296 14.99 -6.80 -7.92
CA TYR A 296 14.77 -6.68 -6.46
C TYR A 296 16.14 -6.66 -5.78
N MET A 297 16.18 -6.06 -4.59
CA MET A 297 17.34 -6.10 -3.68
C MET A 297 17.66 -7.57 -3.41
N ARG A 298 18.92 -7.88 -3.09
CA ARG A 298 19.31 -9.22 -2.55
C ARG A 298 18.36 -9.54 -1.39
N PRO A 299 17.98 -10.83 -1.22
CA PRO A 299 17.00 -11.22 -0.21
C PRO A 299 17.47 -11.07 1.24
ZN ZN B . -1.94 6.05 3.72
C10 H2N C . -5.91 8.39 6.44
C11 H2N C . -5.50 9.36 5.34
C12 H2N C . -5.31 8.77 3.95
C13 H2N C . -4.31 7.60 4.01
C14 H2N C . -3.37 10.70 3.55
C15 H2N C . -6.66 8.26 3.37
C16 H2N C . -5.41 14.07 14.85
O4 H2N C . -3.15 7.60 4.44
N2 H2N C . -4.76 6.51 3.56
O5 H2N C . -3.87 5.49 3.57
S1 H2N C . -4.73 10.00 2.87
O2 H2N C . -5.76 11.01 2.72
O3 H2N C . -4.40 9.38 1.64
N1 H2N C . -6.24 9.23 7.60
C8 H2N C . -5.38 9.78 8.46
C9 H2N C . -7.44 9.69 7.99
O1 H2N C . -8.58 9.46 7.44
O6 H2N C . -7.39 10.52 9.06
C7 H2N C . -6.09 10.56 9.36
C5 H2N C . -5.68 11.34 10.55
C4 H2N C . -4.41 11.26 11.07
F1 H2N C . -3.48 10.52 10.48
C6 H2N C . -6.61 12.15 11.18
C1 H2N C . -6.22 12.87 12.33
C2 H2N C . -4.94 12.77 12.83
C3 H2N C . -4.04 11.96 12.18
O7 H2N C . -4.47 13.42 13.95
H102 H2N C . -6.79 7.80 6.15
H101 H2N C . -5.10 7.70 6.69
H112 H2N C . -4.58 9.83 5.67
H111 H2N C . -6.26 10.14 5.28
H141 H2N C . -3.62 11.64 3.96
H143 H2N C . -2.65 10.83 2.78
H142 H2N C . -2.96 10.08 4.30
H152 H2N C . -7.38 9.03 3.45
H151 H2N C . -6.99 7.42 3.91
H153 H2N C . -6.54 8.01 2.35
H163 H2N C . -4.89 14.40 15.71
H162 H2N C . -6.15 13.37 15.13
H161 H2N C . -5.85 14.90 14.37
HO5 H2N C . -4.04 4.91 4.34
H8 H2N C . -4.30 9.63 8.46
H6 H2N C . -7.63 12.22 10.81
H1 H2N C . -6.96 13.49 12.83
H3 H2N C . -3.03 11.89 12.56
C1 GOL D . 5.75 13.64 17.77
O1 GOL D . 6.32 12.47 18.38
C2 GOL D . 6.44 13.95 16.46
O2 GOL D . 5.67 13.49 15.36
C3 GOL D . 6.71 15.42 16.29
O3 GOL D . 7.55 15.67 15.16
H11 GOL D . 5.85 14.40 18.38
H12 GOL D . 4.80 13.48 17.61
HO1 GOL D . 5.90 12.33 19.09
H2 GOL D . 7.31 13.48 16.45
HO2 GOL D . 5.51 14.13 14.84
H31 GOL D . 7.14 15.78 17.10
H32 GOL D . 5.86 15.90 16.16
HO3 GOL D . 7.42 15.06 14.59
#